data_9HVG
#
_entry.id   9HVG
#
_cell.length_a   48.529
_cell.length_b   88.944
_cell.length_c   131.185
_cell.angle_alpha   90.00
_cell.angle_beta   90.00
_cell.angle_gamma   90.00
#
_symmetry.space_group_name_H-M   'C 2 2 21'
#
loop_
_entity.id
_entity.type
_entity.pdbx_description
1 polymer 'Kemp Elimination'
2 water water
#
_entity_poly.entity_id   1
_entity_poly.type   'polypeptide(L)'
_entity_poly.pdbx_seq_one_letter_code
;MILDKIVEDKKKRLEEHKAKIPPEEMKRMALECNRKTISLAKALSKPGLSIVAVFLKASPSKGVIRSKVDLEERIKQYNE
AVDAITVVTEEDHFQGSPEYLKYIRERTNLPIIRWDFIIDEYQVYEAKVLGADAIFLIMAILDDETFKRLYDLAYSLGLD
VVVLVYDEEELKRALNLGVKIIEIMNINLKTFEVSMDTTKRLASLLPEEFRKKDGILMTIGGISTDEDVKRLKKAGVDAF
VITEALMEADNPKELVKHWKEVYNNG
;
_entity_poly.pdbx_strand_id   A
#
# COMPACT_ATOMS: atom_id res chain seq x y z
N MET A 1 20.38 11.26 -10.46
CA MET A 1 20.16 10.25 -11.48
C MET A 1 18.74 9.67 -11.36
N ILE A 2 18.41 9.20 -10.15
CA ILE A 2 17.14 8.52 -9.89
C ILE A 2 16.21 9.38 -9.05
N LEU A 3 16.62 9.71 -7.83
CA LEU A 3 15.71 10.39 -6.90
C LEU A 3 15.33 11.76 -7.43
N ASP A 4 16.28 12.49 -8.02
CA ASP A 4 15.97 13.83 -8.49
C ASP A 4 14.96 13.79 -9.62
N LYS A 5 15.02 12.76 -10.47
CA LYS A 5 14.09 12.69 -11.60
C LYS A 5 12.68 12.31 -11.12
N ILE A 6 12.59 11.38 -10.16
CA ILE A 6 11.28 11.02 -9.61
C ILE A 6 10.58 12.22 -9.02
N VAL A 7 11.35 13.10 -8.36
CA VAL A 7 10.74 14.24 -7.68
C VAL A 7 10.27 15.26 -8.70
N GLU A 8 11.10 15.56 -9.70
CA GLU A 8 10.72 16.58 -10.68
C GLU A 8 9.57 16.10 -11.55
N ASP A 9 9.58 14.82 -11.95
CA ASP A 9 8.47 14.27 -12.73
C ASP A 9 7.16 14.40 -11.96
N LYS A 10 7.17 14.06 -10.68
CA LYS A 10 5.94 14.09 -9.89
C LYS A 10 5.38 15.50 -9.77
N LYS A 11 6.27 16.48 -9.55
CA LYS A 11 5.77 17.85 -9.46
C LYS A 11 5.12 18.28 -10.77
N LYS A 12 5.73 17.91 -11.91
CA LYS A 12 5.13 18.29 -13.19
C LYS A 12 3.81 17.56 -13.43
N ARG A 13 3.72 16.30 -13.02
CA ARG A 13 2.45 15.59 -13.19
C ARG A 13 1.36 16.21 -12.35
N LEU A 14 1.68 16.60 -11.11
CA LEU A 14 0.68 17.25 -10.27
C LEU A 14 0.17 18.53 -10.93
N GLU A 15 1.08 19.34 -11.51
CA GLU A 15 0.62 20.54 -12.20
C GLU A 15 -0.25 20.21 -13.40
N GLU A 16 0.07 19.11 -14.11
CA GLU A 16 -0.74 18.73 -15.26
C GLU A 16 -2.14 18.31 -14.83
N HIS A 17 -2.25 17.58 -13.71
CA HIS A 17 -3.57 17.18 -13.22
C HIS A 17 -4.34 18.38 -12.68
N LYS A 18 -3.67 19.22 -11.87
CA LYS A 18 -4.38 20.37 -11.31
C LYS A 18 -4.93 21.29 -12.40
N ALA A 19 -4.28 21.32 -13.57
CA ALA A 19 -4.81 22.13 -14.67
C ALA A 19 -6.13 21.57 -15.16
N LYS A 20 -6.22 20.25 -15.35
CA LYS A 20 -7.44 19.65 -15.88
C LYS A 20 -8.56 19.69 -14.86
N ILE A 21 -8.33 19.18 -13.66
CA ILE A 21 -9.28 19.26 -12.56
C ILE A 21 -8.66 20.10 -11.45
N PRO A 22 -9.06 21.35 -11.32
CA PRO A 22 -8.48 22.23 -10.29
C PRO A 22 -8.67 21.69 -8.89
N PRO A 23 -7.80 22.07 -7.95
CA PRO A 23 -7.89 21.50 -6.59
C PRO A 23 -9.20 21.76 -5.87
N GLU A 24 -9.71 23.00 -5.90
CA GLU A 24 -11.00 23.27 -5.27
C GLU A 24 -12.10 22.38 -5.84
N GLU A 25 -12.04 22.06 -7.13
CA GLU A 25 -13.06 21.20 -7.70
C GLU A 25 -12.88 19.75 -7.25
N MET A 26 -11.64 19.25 -7.30
CA MET A 26 -11.37 17.90 -6.82
C MET A 26 -11.85 17.73 -5.39
N LYS A 27 -11.64 18.74 -4.55
CA LYS A 27 -12.14 18.68 -3.18
C LYS A 27 -13.67 18.62 -3.16
N ARG A 28 -14.32 19.43 -4.01
CA ARG A 28 -15.78 19.40 -4.08
C ARG A 28 -16.28 17.99 -4.40
N MET A 29 -15.67 17.35 -5.39
CA MET A 29 -16.14 16.02 -5.82
C MET A 29 -15.93 14.99 -4.71
N ALA A 30 -14.76 15.01 -4.07
CA ALA A 30 -14.51 14.06 -3.01
C ALA A 30 -15.56 14.17 -1.91
N LEU A 31 -15.98 15.40 -1.58
CA LEU A 31 -16.92 15.60 -0.48
C LEU A 31 -18.36 15.35 -0.92
N GLU A 32 -18.67 15.57 -2.19
CA GLU A 32 -20.06 15.47 -2.59
C GLU A 32 -20.41 14.09 -3.11
N CYS A 33 -19.49 13.47 -3.85
CA CYS A 33 -19.76 12.20 -4.52
C CYS A 33 -19.93 11.06 -3.50
N ASN A 34 -20.81 10.10 -3.85
CA ASN A 34 -21.19 9.01 -2.95
C ASN A 34 -20.37 7.78 -3.24
N ARG A 35 -19.66 7.29 -2.22
CA ARG A 35 -19.01 5.99 -2.33
C ARG A 35 -18.79 5.44 -0.93
N LYS A 36 -19.27 4.21 -0.70
CA LYS A 36 -18.95 3.47 0.51
C LYS A 36 -17.62 2.75 0.31
N THR A 37 -16.64 3.05 1.17
CA THR A 37 -15.36 2.39 1.01
C THR A 37 -15.40 0.97 1.54
N ILE A 38 -14.61 0.10 0.91
CA ILE A 38 -14.42 -1.28 1.33
C ILE A 38 -13.26 -1.28 2.31
N SER A 39 -13.47 -1.84 3.51
CA SER A 39 -12.49 -1.65 4.58
C SER A 39 -11.23 -2.47 4.31
N LEU A 40 -10.11 -1.77 4.08
CA LEU A 40 -8.82 -2.45 4.04
C LEU A 40 -8.45 -3.02 5.41
N ALA A 41 -8.68 -2.25 6.49
CA ALA A 41 -8.33 -2.69 7.83
C ALA A 41 -8.97 -4.05 8.16
N LYS A 42 -10.25 -4.19 7.87
CA LYS A 42 -10.90 -5.47 8.14
C LYS A 42 -10.26 -6.60 7.35
N ALA A 43 -9.91 -6.35 6.08
CA ALA A 43 -9.32 -7.40 5.25
C ALA A 43 -7.91 -7.78 5.68
N LEU A 44 -7.18 -6.86 6.31
CA LEU A 44 -5.79 -7.14 6.67
C LEU A 44 -5.63 -7.75 8.05
N SER A 45 -6.62 -7.58 8.93
CA SER A 45 -6.55 -8.07 10.30
C SER A 45 -7.36 -9.34 10.50
N LYS A 46 -8.02 -9.84 9.46
CA LYS A 46 -8.66 -11.14 9.54
C LYS A 46 -7.63 -12.21 9.94
N PRO A 47 -8.08 -13.27 10.60
CA PRO A 47 -7.12 -14.29 11.06
C PRO A 47 -6.32 -14.87 9.89
N GLY A 48 -5.05 -15.18 10.17
CA GLY A 48 -4.18 -15.70 9.14
C GLY A 48 -3.40 -14.63 8.43
N LEU A 49 -2.60 -15.07 7.46
CA LEU A 49 -1.84 -14.13 6.64
C LEU A 49 -2.76 -13.56 5.58
N SER A 50 -2.71 -12.25 5.40
CA SER A 50 -3.44 -11.56 4.34
C SER A 50 -2.46 -11.29 3.20
N ILE A 51 -2.93 -11.38 1.96
CA ILE A 51 -2.08 -11.13 0.80
C ILE A 51 -2.57 -9.89 0.09
N VAL A 52 -1.65 -8.97 -0.21
CA VAL A 52 -1.94 -7.78 -1.00
C VAL A 52 -1.21 -7.92 -2.32
N ALA A 53 -1.95 -7.96 -3.44
CA ALA A 53 -1.34 -8.06 -4.76
C ALA A 53 -1.19 -6.67 -5.37
N VAL A 54 -0.12 -6.48 -6.15
CA VAL A 54 0.17 -5.17 -6.73
C VAL A 54 -0.09 -5.20 -8.23
N PHE A 55 -0.81 -4.21 -8.73
CA PHE A 55 -1.04 -3.99 -10.14
C PHE A 55 -0.13 -2.85 -10.59
N LEU A 56 0.85 -3.19 -11.43
CA LEU A 56 1.77 -2.29 -12.12
C LEU A 56 1.48 -2.35 -13.61
N LYS A 57 1.40 -1.19 -14.27
CA LYS A 57 1.22 -1.23 -15.72
C LYS A 57 2.52 -1.53 -16.46
N ALA A 58 3.66 -1.06 -15.94
CA ALA A 58 4.97 -1.31 -16.53
C ALA A 58 6.01 -0.89 -15.50
N SER A 59 7.28 -0.96 -15.89
CA SER A 59 8.38 -0.59 -14.98
C SER A 59 9.47 0.18 -15.71
N VAL A 69 -8.02 -8.69 -23.40
CA VAL A 69 -6.99 -8.01 -22.62
C VAL A 69 -6.61 -8.88 -21.41
N ASP A 70 -5.31 -9.12 -21.26
CA ASP A 70 -4.81 -10.00 -20.21
C ASP A 70 -5.12 -9.44 -18.82
N LEU A 71 -5.24 -8.11 -18.71
CA LEU A 71 -5.50 -7.49 -17.41
C LEU A 71 -6.84 -7.94 -16.83
N GLU A 72 -7.88 -8.00 -17.67
CA GLU A 72 -9.18 -8.45 -17.16
C GLU A 72 -9.09 -9.84 -16.58
N GLU A 73 -8.28 -10.68 -17.18
CA GLU A 73 -8.10 -12.06 -16.67
C GLU A 73 -7.37 -12.05 -15.32
N ARG A 74 -6.23 -11.35 -15.25
CA ARG A 74 -5.43 -11.29 -14.00
C ARG A 74 -6.29 -10.73 -12.85
N ILE A 75 -7.09 -9.70 -13.12
CA ILE A 75 -8.00 -9.15 -12.08
C ILE A 75 -8.91 -10.28 -11.59
N LYS A 76 -9.48 -11.06 -12.49
CA LYS A 76 -10.38 -12.11 -12.02
C LYS A 76 -9.64 -13.14 -11.18
N GLN A 77 -8.44 -13.55 -11.63
CA GLN A 77 -7.63 -14.47 -10.83
C GLN A 77 -7.31 -13.89 -9.46
N TYR A 78 -6.91 -12.62 -9.40
CA TYR A 78 -6.57 -12.01 -8.11
C TYR A 78 -7.79 -11.92 -7.20
N ASN A 79 -8.96 -11.63 -7.78
CA ASN A 79 -10.20 -11.51 -7.02
C ASN A 79 -10.52 -12.78 -6.22
N GLU A 80 -10.17 -13.94 -6.75
CA GLU A 80 -10.43 -15.20 -6.06
C GLU A 80 -9.31 -15.60 -5.12
N ALA A 81 -8.15 -14.95 -5.19
CA ALA A 81 -6.97 -15.41 -4.49
C ALA A 81 -6.55 -14.51 -3.33
N VAL A 82 -6.49 -13.19 -3.54
CA VAL A 82 -5.86 -12.30 -2.58
C VAL A 82 -6.91 -11.53 -1.79
N ASP A 83 -6.45 -10.77 -0.79
CA ASP A 83 -7.29 -10.08 0.18
C ASP A 83 -7.43 -8.57 -0.09
N ALA A 84 -6.48 -7.97 -0.79
CA ALA A 84 -6.59 -6.57 -1.20
C ALA A 84 -5.69 -6.36 -2.39
N ILE A 85 -5.87 -5.23 -3.05
CA ILE A 85 -5.12 -4.90 -4.25
C ILE A 85 -4.52 -3.53 -4.08
N THR A 86 -3.26 -3.38 -4.47
CA THR A 86 -2.59 -2.10 -4.59
C THR A 86 -2.55 -1.75 -6.07
N VAL A 87 -2.93 -0.51 -6.40
CA VAL A 87 -2.82 -0.01 -7.78
C VAL A 87 -1.82 1.14 -7.80
N VAL A 88 -0.78 1.00 -8.63
CA VAL A 88 0.24 2.04 -8.76
C VAL A 88 -0.25 3.06 -9.79
N THR A 89 -0.46 4.30 -9.36
CA THR A 89 -0.91 5.35 -10.27
C THR A 89 0.20 6.29 -10.69
N GLU A 90 1.43 6.10 -10.19
CA GLU A 90 2.54 6.93 -10.66
C GLU A 90 2.78 6.68 -12.15
N GLU A 91 3.05 7.76 -12.87
CA GLU A 91 2.92 7.76 -14.32
C GLU A 91 4.24 7.68 -15.06
N ASP A 92 5.30 8.27 -14.52
CA ASP A 92 6.53 8.39 -15.29
C ASP A 92 7.43 7.18 -15.10
N HIS A 93 7.60 6.74 -13.86
CA HIS A 93 8.40 5.56 -13.59
C HIS A 93 7.67 4.27 -13.91
N PHE A 94 6.33 4.22 -13.71
CA PHE A 94 5.57 2.98 -13.79
C PHE A 94 4.43 2.93 -14.78
N GLN A 95 4.15 4.01 -15.50
CA GLN A 95 3.06 4.04 -16.49
C GLN A 95 1.68 3.81 -15.88
N GLY A 96 1.50 4.08 -14.59
CA GLY A 96 0.17 4.13 -14.03
C GLY A 96 -0.55 5.39 -14.46
N SER A 97 -1.80 5.51 -14.01
CA SER A 97 -2.66 6.63 -14.38
C SER A 97 -3.97 6.52 -13.60
N PRO A 98 -4.72 7.63 -13.47
CA PRO A 98 -6.07 7.52 -12.90
C PRO A 98 -6.96 6.58 -13.68
N GLU A 99 -6.80 6.53 -15.01
CA GLU A 99 -7.58 5.62 -15.83
C GLU A 99 -7.30 4.17 -15.48
N TYR A 100 -6.03 3.84 -15.22
CA TYR A 100 -5.65 2.49 -14.85
C TYR A 100 -6.35 2.04 -13.59
N LEU A 101 -6.38 2.92 -12.59
CA LEU A 101 -7.07 2.64 -11.35
C LEU A 101 -8.57 2.50 -11.58
N LYS A 102 -9.15 3.43 -12.35
CA LYS A 102 -10.57 3.32 -12.67
C LYS A 102 -10.87 1.97 -13.31
N TYR A 103 -10.02 1.52 -14.22
CA TYR A 103 -10.28 0.27 -14.93
C TYR A 103 -10.30 -0.92 -13.96
N ILE A 104 -9.34 -0.96 -13.06
CA ILE A 104 -9.29 -2.06 -12.09
C ILE A 104 -10.42 -1.94 -11.08
N ARG A 105 -10.71 -0.71 -10.61
CA ARG A 105 -11.81 -0.51 -9.67
C ARG A 105 -13.13 -1.05 -10.17
N GLU A 106 -13.39 -0.92 -11.48
CA GLU A 106 -14.66 -1.39 -12.03
C GLU A 106 -14.80 -2.90 -11.93
N ARG A 107 -13.67 -3.60 -11.80
CA ARG A 107 -13.63 -5.04 -12.01
C ARG A 107 -13.29 -5.83 -10.75
N THR A 108 -13.23 -5.17 -9.59
CA THR A 108 -12.94 -5.88 -8.36
C THR A 108 -13.74 -5.26 -7.23
N ASN A 109 -14.13 -6.12 -6.29
CA ASN A 109 -14.78 -5.74 -5.04
C ASN A 109 -13.83 -5.81 -3.85
N LEU A 110 -12.55 -6.08 -4.09
CA LEU A 110 -11.57 -6.07 -3.02
C LEU A 110 -11.19 -4.64 -2.66
N PRO A 111 -10.67 -4.40 -1.46
CA PRO A 111 -10.17 -3.05 -1.14
C PRO A 111 -8.97 -2.72 -2.01
N ILE A 112 -8.91 -1.48 -2.47
CA ILE A 112 -7.81 -1.00 -3.31
C ILE A 112 -7.03 0.03 -2.52
N ILE A 113 -5.71 -0.12 -2.53
CA ILE A 113 -4.78 0.88 -2.00
C ILE A 113 -4.18 1.63 -3.19
N ARG A 114 -4.26 2.95 -3.17
CA ARG A 114 -3.57 3.74 -4.18
C ARG A 114 -2.12 3.89 -3.77
N TRP A 115 -1.20 3.41 -4.60
CA TRP A 115 0.23 3.59 -4.38
C TRP A 115 0.71 4.70 -5.32
N ASP A 116 1.34 5.71 -4.75
CA ASP A 116 1.87 6.82 -5.51
C ASP A 116 2.80 7.58 -4.56
N PHE A 117 3.37 8.68 -5.03
CA PHE A 117 4.09 9.56 -4.12
C PHE A 117 3.10 10.64 -3.72
N ILE A 118 2.43 10.41 -2.59
CA ILE A 118 1.29 11.22 -2.16
C ILE A 118 1.83 12.25 -1.18
N ILE A 119 1.96 13.47 -1.66
CA ILE A 119 2.51 14.59 -0.90
C ILE A 119 1.56 15.77 -0.78
N ASP A 120 0.35 15.67 -1.34
CA ASP A 120 -0.54 16.82 -1.56
C ASP A 120 -1.96 16.37 -1.27
N GLU A 121 -2.72 17.20 -0.54
N GLU A 121 -2.71 17.20 -0.53
CA GLU A 121 -4.11 16.84 -0.24
CA GLU A 121 -4.10 16.86 -0.23
C GLU A 121 -4.90 16.63 -1.51
C GLU A 121 -4.90 16.63 -1.51
N TYR A 122 -4.51 17.28 -2.61
CA TYR A 122 -5.13 17.01 -3.91
C TYR A 122 -5.21 15.52 -4.23
N GLN A 123 -4.12 14.80 -3.97
CA GLN A 123 -4.04 13.38 -4.27
C GLN A 123 -4.86 12.52 -3.32
N VAL A 124 -5.12 13.01 -2.11
CA VAL A 124 -5.98 12.29 -1.18
C VAL A 124 -7.44 12.44 -1.59
N TYR A 125 -7.87 13.68 -1.86
CA TYR A 125 -9.19 13.89 -2.44
C TYR A 125 -9.35 13.11 -3.74
N GLU A 126 -8.31 13.13 -4.58
CA GLU A 126 -8.39 12.43 -5.85
C GLU A 126 -8.51 10.93 -5.63
N ALA A 127 -7.80 10.38 -4.64
CA ALA A 127 -7.92 8.94 -4.34
C ALA A 127 -9.37 8.56 -4.02
N LYS A 128 -10.02 9.38 -3.20
CA LYS A 128 -11.43 9.15 -2.87
C LYS A 128 -12.30 9.15 -4.12
N VAL A 129 -12.10 10.16 -4.97
CA VAL A 129 -12.86 10.28 -6.21
C VAL A 129 -12.64 9.08 -7.11
N LEU A 130 -11.41 8.60 -7.21
CA LEU A 130 -11.11 7.48 -8.11
C LEU A 130 -11.57 6.12 -7.57
N GLY A 131 -12.05 6.05 -6.33
CA GLY A 131 -12.55 4.79 -5.80
C GLY A 131 -11.54 3.98 -5.01
N ALA A 132 -10.38 4.53 -4.68
CA ALA A 132 -9.50 3.83 -3.76
C ALA A 132 -10.16 3.77 -2.38
N ASP A 133 -9.88 2.69 -1.66
CA ASP A 133 -10.29 2.50 -0.28
C ASP A 133 -9.20 2.88 0.72
N ALA A 134 -8.00 3.14 0.26
CA ALA A 134 -6.87 3.41 1.13
C ALA A 134 -5.82 4.11 0.28
N ILE A 135 -4.92 4.83 0.96
CA ILE A 135 -3.78 5.41 0.30
C ILE A 135 -2.52 4.95 1.00
N PHE A 136 -1.42 5.11 0.28
CA PHE A 136 -0.08 4.83 0.77
C PHE A 136 0.56 6.17 1.15
N LEU A 137 1.06 6.29 2.37
CA LEU A 137 1.88 7.44 2.77
C LEU A 137 3.28 6.94 3.13
N ILE A 138 4.30 7.68 2.73
CA ILE A 138 5.69 7.30 2.93
C ILE A 138 6.30 8.25 3.94
N MET A 139 6.68 7.73 5.13
CA MET A 139 7.24 8.56 6.18
C MET A 139 8.45 9.37 5.70
N ALA A 140 9.23 8.79 4.78
CA ALA A 140 10.50 9.40 4.39
C ALA A 140 10.32 10.71 3.64
N ILE A 141 9.17 10.94 3.03
CA ILE A 141 8.98 12.11 2.18
C ILE A 141 7.92 13.05 2.73
N LEU A 142 7.65 12.95 4.03
CA LEU A 142 6.66 13.81 4.66
C LEU A 142 7.20 14.25 6.01
N ASP A 143 7.16 15.55 6.26
CA ASP A 143 7.45 15.99 7.61
C ASP A 143 6.26 15.69 8.52
N ASP A 144 6.40 15.95 9.81
CA ASP A 144 5.38 15.51 10.77
C ASP A 144 4.06 16.29 10.61
N GLU A 145 4.12 17.62 10.38
CA GLU A 145 2.89 18.38 10.09
C GLU A 145 2.19 17.86 8.86
N THR A 146 2.93 17.69 7.76
CA THR A 146 2.30 17.25 6.52
C THR A 146 1.74 15.85 6.63
N PHE A 147 2.48 14.97 7.31
CA PHE A 147 1.97 13.61 7.49
C PHE A 147 0.66 13.62 8.24
N LYS A 148 0.63 14.28 9.41
CA LYS A 148 -0.59 14.31 10.21
C LYS A 148 -1.76 14.88 9.42
N ARG A 149 -1.53 15.95 8.64
CA ARG A 149 -2.60 16.52 7.83
C ARG A 149 -3.17 15.48 6.87
N LEU A 150 -2.28 14.84 6.10
CA LEU A 150 -2.73 13.91 5.06
C LEU A 150 -3.33 12.65 5.67
N TYR A 151 -2.70 12.16 6.74
CA TYR A 151 -3.23 11.01 7.46
C TYR A 151 -4.63 11.29 7.97
N ASP A 152 -4.83 12.45 8.61
CA ASP A 152 -6.13 12.80 9.15
C ASP A 152 -7.15 13.01 8.04
N LEU A 153 -6.75 13.64 6.93
CA LEU A 153 -7.70 13.88 5.85
C LEU A 153 -8.16 12.57 5.23
N ALA A 154 -7.24 11.62 5.07
CA ALA A 154 -7.63 10.34 4.48
C ALA A 154 -8.66 9.64 5.35
N TYR A 155 -8.46 9.65 6.67
CA TYR A 155 -9.45 9.00 7.53
C TYR A 155 -10.75 9.78 7.59
N SER A 156 -10.70 11.11 7.47
CA SER A 156 -11.95 11.88 7.43
C SER A 156 -12.78 11.56 6.19
N LEU A 157 -12.13 11.12 5.11
CA LEU A 157 -12.82 10.70 3.90
C LEU A 157 -13.25 9.24 3.93
N GLY A 158 -13.03 8.54 5.04
CA GLY A 158 -13.34 7.12 5.07
C GLY A 158 -12.28 6.21 4.47
N LEU A 159 -11.08 6.72 4.20
CA LEU A 159 -10.00 5.89 3.67
C LEU A 159 -9.11 5.37 4.79
N ASP A 160 -8.55 4.19 4.59
CA ASP A 160 -7.44 3.73 5.42
C ASP A 160 -6.12 4.26 4.87
N VAL A 161 -5.08 4.14 5.67
CA VAL A 161 -3.74 4.60 5.29
C VAL A 161 -2.75 3.50 5.64
N VAL A 162 -1.96 3.11 4.64
CA VAL A 162 -0.79 2.24 4.82
C VAL A 162 0.43 3.16 4.89
N VAL A 163 1.17 3.08 6.00
CA VAL A 163 2.31 3.96 6.23
C VAL A 163 3.57 3.15 6.00
N LEU A 164 4.40 3.61 5.08
CA LEU A 164 5.62 2.88 4.76
C LEU A 164 6.75 3.41 5.65
N VAL A 165 7.43 2.51 6.33
CA VAL A 165 8.61 2.89 7.11
C VAL A 165 9.78 2.05 6.64
N TYR A 166 10.97 2.59 6.85
CA TYR A 166 12.19 1.99 6.31
C TYR A 166 13.25 1.72 7.37
N ASP A 167 13.20 2.41 8.51
CA ASP A 167 14.21 2.32 9.54
C ASP A 167 13.59 2.68 10.87
N GLU A 168 14.42 2.67 11.90
CA GLU A 168 13.96 2.73 13.28
C GLU A 168 13.35 4.07 13.67
N GLU A 169 13.82 5.18 13.10
CA GLU A 169 13.26 6.47 13.54
C GLU A 169 11.99 6.79 12.79
N GLU A 170 11.89 6.37 11.52
CA GLU A 170 10.60 6.44 10.84
C GLU A 170 9.53 5.66 11.61
N LEU A 171 9.84 4.41 11.99
CA LEU A 171 8.91 3.63 12.81
C LEU A 171 8.57 4.38 14.10
N LYS A 172 9.60 4.94 14.74
CA LYS A 172 9.40 5.75 15.94
C LYS A 172 8.48 6.93 15.64
N ARG A 173 8.85 7.74 14.65
CA ARG A 173 7.94 8.79 14.18
C ARG A 173 6.54 8.25 13.96
N ALA A 174 6.43 7.12 13.26
CA ALA A 174 5.11 6.61 12.88
C ALA A 174 4.28 6.26 14.11
N LEU A 175 4.83 5.44 14.99
CA LEU A 175 4.12 5.09 16.24
C LEU A 175 3.82 6.38 17.05
N ASN A 176 4.71 7.36 16.94
CA ASN A 176 4.54 8.64 17.67
C ASN A 176 3.39 9.44 17.06
N LEU A 177 2.88 9.05 15.89
CA LEU A 177 1.83 9.87 15.22
C LEU A 177 0.49 9.13 15.19
N GLY A 178 0.37 8.02 15.93
CA GLY A 178 -0.89 7.30 16.03
C GLY A 178 -1.17 6.28 14.93
N VAL A 179 -0.20 6.02 14.05
CA VAL A 179 -0.41 5.15 12.88
C VAL A 179 -0.89 3.76 13.29
N LYS A 180 -1.76 3.16 12.46
CA LYS A 180 -2.28 1.83 12.76
C LYS A 180 -1.87 0.75 11.75
N ILE A 181 -1.65 1.10 10.50
CA ILE A 181 -1.24 0.13 9.49
C ILE A 181 0.15 0.57 9.04
N ILE A 182 1.15 -0.27 9.34
CA ILE A 182 2.55 0.03 9.06
C ILE A 182 3.05 -1.00 8.07
N GLU A 183 3.66 -0.55 6.99
CA GLU A 183 4.33 -1.47 6.07
C GLU A 183 5.83 -1.27 6.20
N ILE A 184 6.57 -2.36 6.37
CA ILE A 184 8.03 -2.30 6.40
C ILE A 184 8.56 -2.89 5.12
N MET A 185 9.38 -2.14 4.42
CA MET A 185 10.09 -2.65 3.26
C MET A 185 11.33 -3.40 3.73
N ASN A 186 11.52 -4.61 3.21
CA ASN A 186 12.61 -5.46 3.66
C ASN A 186 13.92 -5.13 2.96
N ILE A 187 14.28 -3.86 2.90
CA ILE A 187 15.56 -3.46 2.32
C ILE A 187 16.50 -3.03 3.43
N ASN A 188 17.77 -3.28 3.20
CA ASN A 188 18.84 -2.79 4.05
C ASN A 188 19.79 -2.10 3.11
N LEU A 189 19.74 -0.76 3.06
CA LEU A 189 20.57 -0.01 2.13
C LEU A 189 22.05 -0.19 2.42
N LYS A 190 22.43 -0.25 3.71
CA LYS A 190 23.83 -0.28 4.09
C LYS A 190 24.49 -1.61 3.74
N THR A 191 23.73 -2.69 3.68
CA THR A 191 24.32 -3.92 3.17
C THR A 191 23.85 -4.20 1.76
N PHE A 192 23.09 -3.29 1.17
CA PHE A 192 22.56 -3.40 -0.19
C PHE A 192 21.93 -4.77 -0.40
N GLU A 193 20.91 -5.02 0.42
CA GLU A 193 20.28 -6.33 0.55
C GLU A 193 18.79 -6.13 0.70
N VAL A 194 18.02 -7.09 0.19
CA VAL A 194 16.57 -7.12 0.42
C VAL A 194 16.31 -8.38 1.23
N SER A 195 16.01 -8.21 2.51
CA SER A 195 15.92 -9.34 3.42
C SER A 195 14.95 -9.04 4.55
N MET A 196 14.25 -10.11 4.98
CA MET A 196 13.39 -10.11 6.16
C MET A 196 14.14 -9.75 7.44
N ASP A 197 15.48 -9.73 7.41
CA ASP A 197 16.26 -9.30 8.57
C ASP A 197 15.87 -7.89 8.99
N THR A 198 15.36 -7.11 8.05
CA THR A 198 14.94 -5.74 8.32
C THR A 198 13.66 -5.71 9.12
N THR A 199 12.58 -6.30 8.59
CA THR A 199 11.33 -6.32 9.32
C THR A 199 11.52 -6.94 10.69
N LYS A 200 12.33 -8.02 10.78
CA LYS A 200 12.51 -8.68 12.05
C LYS A 200 13.05 -7.73 13.12
N ARG A 201 14.08 -6.95 12.77
CA ARG A 201 14.66 -6.07 13.77
C ARG A 201 13.70 -4.94 14.13
N LEU A 202 12.99 -4.39 13.14
CA LEU A 202 12.08 -3.28 13.40
C LEU A 202 10.80 -3.75 14.07
N ALA A 203 10.29 -4.92 13.71
CA ALA A 203 9.08 -5.44 14.34
C ALA A 203 9.27 -5.63 15.84
N SER A 204 10.48 -5.99 16.27
CA SER A 204 10.76 -6.18 17.69
C SER A 204 10.54 -4.89 18.49
N LEU A 205 10.62 -3.74 17.83
CA LEU A 205 10.44 -2.45 18.48
C LEU A 205 8.98 -2.03 18.56
N LEU A 206 8.05 -2.83 18.04
CA LEU A 206 6.65 -2.51 18.19
C LEU A 206 6.21 -2.76 19.63
N PRO A 207 5.38 -1.91 20.21
CA PRO A 207 4.91 -2.15 21.58
C PRO A 207 4.07 -3.42 21.65
N GLU A 208 3.98 -4.01 22.84
CA GLU A 208 3.22 -5.24 22.99
C GLU A 208 1.74 -5.02 22.70
N GLU A 209 1.24 -3.82 22.92
CA GLU A 209 -0.16 -3.50 22.70
C GLU A 209 -0.48 -3.19 21.24
N PHE A 210 0.51 -3.30 20.34
CA PHE A 210 0.28 -2.90 18.96
C PHE A 210 -0.88 -3.68 18.34
N ARG A 211 -0.78 -5.00 18.30
CA ARG A 211 -1.86 -5.80 17.72
C ARG A 211 -3.13 -5.67 18.55
N LYS A 212 -3.01 -5.71 19.88
CA LYS A 212 -4.18 -5.57 20.73
C LYS A 212 -4.97 -4.31 20.39
N LYS A 213 -4.27 -3.19 20.17
CA LYS A 213 -4.92 -1.94 19.78
C LYS A 213 -5.14 -1.86 18.27
N ASP A 214 -5.44 -2.99 17.63
CA ASP A 214 -5.79 -3.08 16.21
C ASP A 214 -4.65 -2.67 15.27
N GLY A 215 -3.42 -2.67 15.76
CA GLY A 215 -2.29 -2.42 14.89
C GLY A 215 -2.11 -3.54 13.88
N ILE A 216 -1.67 -3.14 12.67
CA ILE A 216 -1.51 -4.06 11.55
C ILE A 216 -0.10 -3.90 10.99
N LEU A 217 0.61 -5.01 10.82
CA LEU A 217 1.98 -5.01 10.32
C LEU A 217 2.01 -5.69 8.96
N MET A 218 2.48 -4.98 7.95
CA MET A 218 2.64 -5.51 6.60
C MET A 218 4.10 -5.43 6.19
N THR A 219 4.55 -6.38 5.36
N THR A 219 4.49 -6.30 5.26
CA THR A 219 5.91 -6.37 4.83
CA THR A 219 5.87 -6.39 4.81
C THR A 219 5.88 -6.51 3.31
C THR A 219 5.89 -6.56 3.31
N ILE A 220 6.99 -6.14 2.68
CA ILE A 220 7.16 -6.26 1.24
C ILE A 220 8.62 -6.56 0.94
N GLY A 221 8.86 -7.52 0.06
CA GLY A 221 10.20 -7.79 -0.43
C GLY A 221 10.90 -8.93 0.29
N GLY A 222 11.74 -9.65 -0.46
CA GLY A 222 12.67 -10.62 0.10
C GLY A 222 12.09 -11.92 0.62
N ILE A 223 10.79 -12.17 0.47
CA ILE A 223 10.19 -13.43 0.91
C ILE A 223 9.74 -14.22 -0.31
N SER A 224 10.22 -15.47 -0.42
CA SER A 224 10.02 -16.28 -1.61
C SER A 224 10.01 -17.78 -1.33
N THR A 225 10.54 -18.20 -0.18
CA THR A 225 10.59 -19.60 0.22
C THR A 225 9.64 -19.86 1.39
N ASP A 226 9.35 -21.14 1.63
CA ASP A 226 8.50 -21.49 2.77
C ASP A 226 9.12 -21.04 4.08
N GLU A 227 10.45 -21.21 4.24
CA GLU A 227 11.11 -20.72 5.44
C GLU A 227 10.91 -19.22 5.62
N ASP A 228 10.99 -18.45 4.53
CA ASP A 228 10.73 -17.01 4.60
C ASP A 228 9.38 -16.74 5.23
N VAL A 229 8.36 -17.49 4.79
CA VAL A 229 6.99 -17.26 5.27
C VAL A 229 6.90 -17.57 6.76
N LYS A 230 7.55 -18.65 7.21
CA LYS A 230 7.55 -18.98 8.63
C LYS A 230 8.16 -17.87 9.45
N ARG A 231 9.17 -17.18 8.93
CA ARG A 231 9.75 -16.02 9.65
C ARG A 231 8.72 -14.91 9.86
N LEU A 232 7.79 -14.74 8.94
CA LEU A 232 6.78 -13.66 9.01
C LEU A 232 5.90 -13.87 10.24
N LYS A 233 5.31 -15.04 10.35
CA LYS A 233 4.41 -15.32 11.49
C LYS A 233 5.18 -15.04 12.78
N LYS A 234 6.40 -15.57 12.85
CA LYS A 234 7.20 -15.39 14.07
C LYS A 234 7.30 -13.91 14.43
N ALA A 235 7.41 -13.06 13.42
CA ALA A 235 7.61 -11.63 13.62
C ALA A 235 6.31 -10.87 13.86
N GLY A 236 5.16 -11.53 13.77
CA GLY A 236 3.91 -10.84 13.91
C GLY A 236 3.46 -10.08 12.69
N VAL A 237 3.92 -10.48 11.50
CA VAL A 237 3.44 -9.85 10.27
C VAL A 237 2.02 -10.34 9.99
N ASP A 238 1.10 -9.40 9.75
CA ASP A 238 -0.29 -9.73 9.42
C ASP A 238 -0.52 -9.86 7.92
N ALA A 239 0.27 -9.20 7.09
CA ALA A 239 -0.01 -9.24 5.66
C ALA A 239 1.28 -9.11 4.88
N PHE A 240 1.27 -9.69 3.69
CA PHE A 240 2.41 -9.64 2.78
C PHE A 240 1.98 -9.01 1.47
N VAL A 241 2.78 -8.07 0.99
CA VAL A 241 2.53 -7.40 -0.29
C VAL A 241 3.39 -8.06 -1.34
N ILE A 242 2.76 -8.50 -2.43
CA ILE A 242 3.43 -9.29 -3.47
C ILE A 242 3.31 -8.56 -4.80
N THR A 243 4.41 -8.55 -5.57
CA THR A 243 4.43 -7.97 -6.89
C THR A 243 4.66 -9.08 -7.91
N GLU A 244 5.89 -9.33 -8.35
CA GLU A 244 6.10 -10.20 -9.51
C GLU A 244 5.71 -11.64 -9.23
N ALA A 245 5.88 -12.12 -7.99
CA ALA A 245 5.58 -13.52 -7.70
C ALA A 245 4.15 -13.87 -8.09
N LEU A 246 3.22 -12.94 -7.90
CA LEU A 246 1.83 -13.20 -8.27
C LEU A 246 1.53 -12.87 -9.73
N MET A 247 2.23 -11.87 -10.29
CA MET A 247 2.12 -11.62 -11.72
C MET A 247 2.56 -12.84 -12.51
N GLU A 248 3.67 -13.46 -12.11
CA GLU A 248 4.24 -14.54 -12.91
C GLU A 248 3.63 -15.89 -12.64
N ALA A 249 2.93 -16.05 -11.52
CA ALA A 249 2.34 -17.34 -11.17
C ALA A 249 1.31 -17.75 -12.20
N ASP A 250 1.37 -19.01 -12.67
CA ASP A 250 0.29 -19.53 -13.47
C ASP A 250 -0.97 -19.70 -12.63
N ASN A 251 -0.80 -20.02 -11.34
CA ASN A 251 -1.92 -20.33 -10.45
C ASN A 251 -1.78 -19.51 -9.18
N PRO A 252 -2.20 -18.24 -9.20
CA PRO A 252 -2.06 -17.40 -7.99
C PRO A 252 -2.84 -17.92 -6.80
N LYS A 253 -4.00 -18.54 -7.04
CA LYS A 253 -4.80 -18.99 -5.91
C LYS A 253 -4.07 -20.10 -5.16
N GLU A 254 -3.39 -20.96 -5.91
CA GLU A 254 -2.64 -22.04 -5.30
C GLU A 254 -1.45 -21.50 -4.53
N LEU A 255 -0.74 -20.52 -5.10
CA LEU A 255 0.39 -19.91 -4.42
C LEU A 255 -0.04 -19.29 -3.10
N VAL A 256 -1.09 -18.46 -3.12
CA VAL A 256 -1.61 -17.86 -1.89
C VAL A 256 -2.04 -18.94 -0.91
N LYS A 257 -2.80 -19.93 -1.39
CA LYS A 257 -3.24 -21.00 -0.49
C LYS A 257 -2.06 -21.67 0.20
N HIS A 258 -0.98 -21.91 -0.54
CA HIS A 258 0.18 -22.57 0.04
C HIS A 258 0.89 -21.67 1.05
N TRP A 259 1.10 -20.38 0.69
CA TRP A 259 1.66 -19.43 1.66
C TRP A 259 0.82 -19.38 2.93
N LYS A 260 -0.50 -19.32 2.79
CA LYS A 260 -1.34 -19.22 3.98
C LYS A 260 -1.24 -20.48 4.84
N GLU A 261 -1.08 -21.64 4.21
CA GLU A 261 -0.91 -22.89 4.96
C GLU A 261 0.43 -22.91 5.69
N VAL A 262 1.49 -22.46 5.04
CA VAL A 262 2.81 -22.42 5.68
C VAL A 262 2.78 -21.46 6.87
N TYR A 263 2.13 -20.32 6.70
CA TYR A 263 1.94 -19.38 7.79
C TYR A 263 1.18 -20.00 8.96
N ASN A 264 0.03 -20.63 8.68
CA ASN A 264 -0.83 -21.11 9.77
C ASN A 264 -0.22 -22.30 10.51
N ASN A 265 0.58 -23.12 9.84
CA ASN A 265 1.16 -24.32 10.45
C ASN A 265 2.55 -24.02 10.99
#